data_3LC3
#
_entry.id   3LC3
#
_cell.length_a   66.922
_cell.length_b   96.035
_cell.length_c   44.391
_cell.angle_alpha   90
_cell.angle_beta   89.930
_cell.angle_gamma   90
#
_symmetry.space_group_name_H-M   'P 1 21 1'
#
loop_
_entity.id
_entity.type
_entity.pdbx_description
1 polymer 'Coagulation factor IX'
2 polymer 'Coagulation factor IX'
3 non-polymer 1-[5-(3,4-dimethoxyphenyl)-1-benzothiophen-2-yl]methanediamine
4 non-polymer 'CALCIUM ION'
5 water water
#
loop_
_entity_poly.entity_id
_entity_poly.type
_entity_poly.pdbx_seq_one_letter_code
_entity_poly.pdbx_strand_id
1 'polypeptide(L)'
;VVGGEDAKPGQFPWQVVLNGKVDAFCGGSIVNEKWIVTAAHCVETGVKITVVAGEHNIEETEHTEQKRNVIRIIPHHNYN
AAINKYNHDIALLELDEPLVLNSYVTPICIADKEYTNIFLKFGSGYVSGWGRVFHKGRSALVLQYLRVPLVDRATCLRST
KFTIYNNMFCAGFHEGGRDSCQGDSGGPHVTEVEGTSFLTGIISWGEECAMKGKYGIYTKVSRYVNWIKEKTKLT
;
A,C
2 'polypeptide(L)' MTCNIKNGRCEQFCKNSADNKVVCSCTEGYRLAENQKSCEPAVPFPCGRVSVSQTSK B,D
#
# COMPACT_ATOMS: atom_id res chain seq x y z
N VAL A 1 36.00 18.38 1.68
CA VAL A 1 35.74 17.66 2.98
C VAL A 1 37.04 16.94 3.35
N VAL A 2 37.58 17.24 4.53
CA VAL A 2 38.78 16.60 5.01
C VAL A 2 38.37 15.35 5.82
N GLY A 3 38.99 14.20 5.54
CA GLY A 3 38.75 12.98 6.31
C GLY A 3 37.36 12.39 6.18
N GLY A 4 36.73 12.56 5.02
CA GLY A 4 35.42 11.96 4.77
C GLY A 4 35.52 10.69 3.96
N GLU A 5 34.44 10.34 3.26
CA GLU A 5 34.42 9.16 2.41
C GLU A 5 33.66 9.47 1.16
N ASP A 6 33.91 8.67 0.13
CA ASP A 6 33.20 8.82 -1.12
C ASP A 6 31.73 8.55 -0.89
N ALA A 7 30.89 9.47 -1.36
CA ALA A 7 29.49 9.15 -1.52
C ALA A 7 29.34 8.07 -2.58
N LYS A 8 28.24 7.32 -2.53
CA LYS A 8 27.74 6.48 -3.64
C LYS A 8 26.85 7.32 -4.56
N PRO A 9 26.75 7.00 -5.85
CA PRO A 9 25.81 7.72 -6.71
C PRO A 9 24.42 7.74 -6.09
N GLY A 10 23.80 8.92 -6.11
CA GLY A 10 22.43 9.08 -5.66
C GLY A 10 22.23 9.06 -4.15
N GLN A 11 23.34 9.06 -3.40
CA GLN A 11 23.31 9.08 -1.91
C GLN A 11 22.86 10.45 -1.40
N PHE A 12 23.32 11.50 -2.07
CA PHE A 12 22.92 12.90 -1.75
C PHE A 12 22.35 13.56 -3.00
N PRO A 13 21.13 13.19 -3.38
CA PRO A 13 20.59 13.64 -4.64
C PRO A 13 20.09 15.08 -4.62
N TRP A 14 20.19 15.74 -3.47
CA TRP A 14 19.90 17.20 -3.38
C TRP A 14 21.17 18.05 -3.58
N GLN A 15 22.33 17.42 -3.61
CA GLN A 15 23.60 18.11 -3.71
C GLN A 15 23.81 18.61 -5.14
N VAL A 16 24.27 19.85 -5.28
CA VAL A 16 24.69 20.37 -6.59
C VAL A 16 26.07 20.97 -6.45
N VAL A 17 26.70 21.18 -7.60
CA VAL A 17 27.98 21.84 -7.67
C VAL A 17 27.84 23.09 -8.50
N LEU A 18 28.60 24.11 -8.13
CA LEU A 18 28.59 25.38 -8.83
C LEU A 18 29.90 25.55 -9.59
N ASN A 19 29.77 25.88 -10.87
CA ASN A 19 30.91 26.15 -11.74
C ASN A 19 30.87 27.56 -12.31
N GLY A 20 32.04 28.17 -12.52
CA GLY A 20 32.11 29.47 -13.19
C GLY A 20 33.47 29.76 -13.76
N LYS A 21 34.04 30.90 -13.37
CA LYS A 21 35.39 31.26 -13.74
C LYS A 21 36.41 30.30 -13.15
N VAL A 22 35.94 29.57 -12.12
CA VAL A 22 36.58 28.45 -11.48
C VAL A 22 35.57 27.29 -11.45
N ASP A 23 35.99 26.05 -11.68
CA ASP A 23 35.03 24.95 -11.57
C ASP A 23 34.96 24.44 -10.13
N ALA A 24 33.79 23.92 -9.76
CA ALA A 24 33.53 23.33 -8.45
C ALA A 24 33.98 24.25 -7.32
N PHE A 25 33.55 25.50 -7.35
CA PHE A 25 34.04 26.47 -6.41
C PHE A 25 33.19 26.56 -5.13
N CYS A 26 32.01 25.95 -5.19
CA CYS A 26 31.06 25.94 -4.11
C CYS A 26 30.01 24.87 -4.37
N GLY A 27 29.32 24.46 -3.32
CA GLY A 27 28.17 23.56 -3.43
C GLY A 27 26.84 24.29 -3.32
N GLY A 28 25.76 23.53 -3.38
CA GLY A 28 24.44 24.06 -3.02
C GLY A 28 23.51 22.88 -2.86
N SER A 29 22.24 23.15 -2.56
CA SER A 29 21.22 22.11 -2.42
C SER A 29 19.96 22.48 -3.21
N ILE A 30 19.31 21.47 -3.74
CA ILE A 30 18.05 21.68 -4.51
C ILE A 30 16.90 21.93 -3.54
N VAL A 31 16.31 23.11 -3.63
CA VAL A 31 15.04 23.45 -2.95
C VAL A 31 13.85 22.92 -3.74
N ASN A 32 13.84 23.14 -5.05
CA ASN A 32 12.81 22.55 -5.91
C ASN A 32 13.35 22.57 -7.34
N GLU A 33 12.54 22.19 -8.31
CA GLU A 33 12.97 22.10 -9.71
C GLU A 33 13.62 23.38 -10.27
N LYS A 34 13.26 24.57 -9.74
CA LYS A 34 13.77 25.84 -10.24
C LYS A 34 14.76 26.59 -9.34
N TRP A 35 14.98 26.11 -8.13
CA TRP A 35 15.69 26.89 -7.09
C TRP A 35 16.76 26.08 -6.33
N ILE A 36 17.93 26.68 -6.19
CA ILE A 36 19.06 26.12 -5.42
C ILE A 36 19.29 27.05 -4.23
N VAL A 37 19.59 26.47 -3.08
CA VAL A 37 20.05 27.28 -1.92
C VAL A 37 21.56 27.04 -1.69
N THR A 38 22.25 28.14 -1.44
CA THR A 38 23.71 28.12 -1.29
C THR A 38 24.14 29.19 -0.32
N ALA A 39 25.46 29.44 -0.22
CA ALA A 39 26.01 30.50 0.60
C ALA A 39 26.09 31.76 -0.23
N ALA A 40 25.74 32.90 0.33
CA ALA A 40 25.81 34.15 -0.40
C ALA A 40 27.23 34.51 -0.73
N HIS A 41 28.20 34.15 0.11
CA HIS A 41 29.59 34.47 -0.22
C HIS A 41 30.06 33.76 -1.49
N CYS A 42 29.36 32.71 -1.88
CA CYS A 42 29.73 31.99 -3.12
C CYS A 42 29.35 32.72 -4.40
N VAL A 43 28.38 33.61 -4.30
CA VAL A 43 27.72 34.11 -5.50
C VAL A 43 27.52 35.61 -5.47
N GLU A 44 28.46 36.28 -4.83
CA GLU A 44 28.61 37.73 -4.91
C GLU A 44 28.79 38.19 -6.36
N THR A 45 29.27 37.31 -7.24
CA THR A 45 29.23 37.56 -8.70
C THR A 45 28.52 36.43 -9.47
N GLY A 46 28.09 36.77 -10.68
CA GLY A 46 27.18 35.90 -11.41
C GLY A 46 27.61 35.52 -12.80
N VAL A 47 28.78 35.94 -13.23
CA VAL A 47 29.11 35.72 -14.63
C VAL A 47 29.09 34.22 -14.91
N LYS A 48 28.41 33.88 -15.99
CA LYS A 48 27.93 32.53 -16.28
C LYS A 48 28.28 31.55 -15.16
N ILE A 49 27.65 31.71 -14.00
CA ILE A 49 27.69 30.63 -13.04
C ILE A 49 26.70 29.56 -13.54
N THR A 50 27.14 28.31 -13.49
CA THR A 50 26.36 27.17 -13.90
C THR A 50 26.21 26.22 -12.69
N VAL A 51 25.06 25.58 -12.60
CA VAL A 51 24.74 24.56 -11.60
C VAL A 51 24.72 23.19 -12.27
N VAL A 52 25.36 22.20 -11.66
CA VAL A 52 25.22 20.82 -12.10
C VAL A 52 24.61 19.98 -10.98
N ALA A 53 23.42 19.47 -11.27
CA ALA A 53 22.72 18.53 -10.41
C ALA A 53 23.08 17.14 -10.92
N GLY A 54 22.87 16.12 -10.12
CA GLY A 54 23.16 14.74 -10.50
C GLY A 54 24.62 14.40 -10.74
N GLU A 55 25.50 15.16 -10.12
CA GLU A 55 26.90 15.01 -10.26
C GLU A 55 27.41 14.05 -9.19
N HIS A 56 28.47 13.32 -9.55
CA HIS A 56 29.08 12.35 -8.65
C HIS A 56 30.56 12.49 -8.76
N ASN A 57 31.11 12.17 -9.94
CA ASN A 57 32.54 12.29 -10.20
C ASN A 57 32.77 13.38 -11.22
N ILE A 58 33.48 14.43 -10.81
CA ILE A 58 33.66 15.64 -11.63
C ILE A 58 34.47 15.49 -12.90
N GLU A 59 35.28 14.44 -13.02
CA GLU A 59 36.13 14.22 -14.17
C GLU A 59 35.54 13.14 -15.11
N GLU A 60 34.41 12.53 -14.74
CA GLU A 60 33.76 11.53 -15.56
C GLU A 60 32.34 11.89 -15.89
N THR A 61 31.77 11.14 -16.81
CA THR A 61 30.38 11.30 -17.22
C THR A 61 29.61 10.13 -16.66
N GLU A 62 28.54 10.43 -15.91
CA GLU A 62 27.71 9.39 -15.30
C GLU A 62 26.37 9.25 -16.04
N HIS A 63 26.12 10.17 -16.97
CA HIS A 63 24.81 10.34 -17.64
C HIS A 63 23.61 10.60 -16.70
N THR A 64 23.91 11.10 -15.50
CA THR A 64 22.89 11.60 -14.57
C THR A 64 22.96 13.15 -14.41
N GLU A 65 23.96 13.78 -14.99
CA GLU A 65 24.27 15.18 -14.72
C GLU A 65 23.24 16.03 -15.43
N GLN A 66 22.75 17.07 -14.74
CA GLN A 66 21.86 18.07 -15.31
C GLN A 66 22.48 19.45 -15.12
N LYS A 67 22.87 20.09 -16.21
CA LYS A 67 23.53 21.38 -16.14
C LYS A 67 22.50 22.48 -16.46
N ARG A 68 22.54 23.53 -15.66
CA ARG A 68 21.61 24.65 -15.81
C ARG A 68 22.33 25.98 -15.62
N ASN A 69 21.82 27.02 -16.28
CA ASN A 69 22.30 28.36 -16.07
C ASN A 69 21.52 29.01 -14.93
N VAL A 70 22.15 29.95 -14.25
CA VAL A 70 21.50 30.70 -13.20
C VAL A 70 20.99 32.03 -13.77
N ILE A 71 19.70 32.29 -13.61
CA ILE A 71 19.14 33.52 -14.16
C ILE A 71 18.90 34.59 -13.14
N ARG A 72 18.83 34.20 -11.87
CA ARG A 72 18.59 35.15 -10.80
C ARG A 72 19.27 34.66 -9.55
N ILE A 73 19.95 35.57 -8.86
CA ILE A 73 20.61 35.30 -7.58
C ILE A 73 20.04 36.23 -6.52
N ILE A 74 19.52 35.66 -5.44
CA ILE A 74 19.04 36.45 -4.34
C ILE A 74 19.83 36.14 -3.05
N PRO A 75 20.82 36.97 -2.72
CA PRO A 75 21.45 36.88 -1.44
C PRO A 75 20.48 37.38 -0.38
N HIS A 76 20.55 36.80 0.81
CA HIS A 76 19.79 37.33 1.90
C HIS A 76 19.95 38.85 2.00
N HIS A 77 18.84 39.56 2.18
CA HIS A 77 18.92 41.04 2.21
C HIS A 77 19.89 41.62 3.23
N ASN A 78 20.13 40.91 4.33
CA ASN A 78 21.05 41.35 5.39
C ASN A 78 22.50 40.84 5.27
N TYR A 79 22.77 40.01 4.28
CA TYR A 79 24.15 39.62 4.00
C TYR A 79 24.92 40.86 3.55
N ASN A 80 26.14 41.00 4.04
CA ASN A 80 26.98 42.16 3.77
C ASN A 80 26.44 43.49 4.28
N ALA A 81 25.52 43.43 5.25
CA ALA A 81 25.11 44.62 6.00
C ALA A 81 26.22 45.05 6.96
N ALA A 82 27.12 44.11 7.26
CA ALA A 82 28.26 44.29 8.13
C ALA A 82 29.45 43.65 7.44
N ILE A 83 30.52 44.41 7.30
CA ILE A 83 31.69 43.98 6.52
C ILE A 83 32.37 42.71 7.04
N ASN A 84 32.63 41.78 6.11
CA ASN A 84 33.42 40.57 6.34
C ASN A 84 32.99 39.67 7.52
N LYS A 85 31.71 39.70 7.90
CA LYS A 85 31.14 38.88 9.01
C LYS A 85 30.67 37.48 8.60
N TYR A 86 30.29 37.33 7.34
CA TYR A 86 29.60 36.12 6.88
C TYR A 86 28.27 35.87 7.62
N ASN A 87 27.75 36.89 8.30
CA ASN A 87 26.44 36.81 8.96
C ASN A 87 25.40 36.74 7.85
N HIS A 88 24.36 35.93 8.01
CA HIS A 88 23.32 35.75 7.00
C HIS A 88 23.84 35.19 5.64
N ASP A 89 24.79 34.24 5.73
CA ASP A 89 25.50 33.68 4.56
C ASP A 89 24.61 32.65 3.85
N ILE A 90 23.63 33.14 3.13
CA ILE A 90 22.72 32.25 2.39
C ILE A 90 22.18 33.00 1.18
N ALA A 91 21.96 32.27 0.08
CA ALA A 91 21.49 32.87 -1.16
C ALA A 91 20.70 31.84 -1.95
N LEU A 92 19.82 32.33 -2.82
CA LEU A 92 18.99 31.48 -3.64
C LEU A 92 19.37 31.68 -5.10
N LEU A 93 19.42 30.61 -5.85
CA LEU A 93 19.69 30.70 -7.28
C LEU A 93 18.52 30.16 -8.08
N GLU A 94 18.04 30.96 -9.04
CA GLU A 94 16.93 30.53 -9.91
C GLU A 94 17.52 30.04 -11.21
N LEU A 95 17.07 28.87 -11.64
CA LEU A 95 17.65 28.22 -12.80
C LEU A 95 16.86 28.59 -14.04
N ASP A 96 17.53 28.49 -15.19
CA ASP A 96 16.93 28.96 -16.44
C ASP A 96 15.81 28.03 -16.84
N GLU A 97 16.03 26.74 -16.65
CA GLU A 97 15.05 25.76 -17.01
C GLU A 97 14.94 24.76 -15.88
N PRO A 98 13.74 24.27 -15.60
CA PRO A 98 13.58 23.34 -14.49
C PRO A 98 14.43 22.08 -14.64
N LEU A 99 14.90 21.60 -13.49
CA LEU A 99 15.50 20.29 -13.38
C LEU A 99 14.40 19.27 -13.55
N VAL A 100 14.80 18.09 -14.00
CA VAL A 100 13.91 16.95 -14.11
C VAL A 100 14.22 16.09 -12.93
N LEU A 101 13.32 16.06 -11.96
CA LEU A 101 13.54 15.29 -10.76
C LEU A 101 13.51 13.82 -11.08
N ASN A 102 14.54 13.12 -10.60
CA ASN A 102 14.64 11.69 -10.69
C ASN A 102 15.44 11.20 -9.50
N SER A 103 15.91 9.94 -9.53
CA SER A 103 16.58 9.36 -8.37
C SER A 103 17.89 10.05 -8.00
N TYR A 104 18.46 10.77 -8.95
CA TYR A 104 19.75 11.42 -8.76
C TYR A 104 19.63 12.90 -8.55
N VAL A 105 18.41 13.43 -8.76
CA VAL A 105 18.08 14.85 -8.69
C VAL A 105 16.77 14.95 -7.90
N THR A 106 16.89 15.19 -6.59
CA THR A 106 15.77 15.20 -5.67
C THR A 106 16.00 16.36 -4.71
N PRO A 107 14.94 17.10 -4.38
CA PRO A 107 15.07 18.18 -3.41
C PRO A 107 15.38 17.70 -2.00
N ILE A 108 15.99 18.59 -1.22
CA ILE A 108 16.13 18.40 0.21
C ILE A 108 14.86 18.94 0.87
N CYS A 109 14.37 18.27 1.92
CA CYS A 109 13.17 18.75 2.62
C CYS A 109 13.56 19.96 3.44
N ILE A 110 12.65 20.94 3.56
CA ILE A 110 12.87 22.05 4.45
C ILE A 110 11.64 22.20 5.38
N ALA A 111 11.86 21.93 6.67
CA ALA A 111 10.81 22.05 7.68
C ALA A 111 10.60 23.53 8.06
N ASP A 112 9.66 23.79 8.98
CA ASP A 112 9.43 25.14 9.45
C ASP A 112 10.53 25.51 10.45
N LYS A 113 10.56 26.77 10.82
CA LYS A 113 11.55 27.30 11.75
C LYS A 113 11.68 26.43 13.01
N GLU A 114 10.56 26.06 13.61
CA GLU A 114 10.60 25.31 14.87
C GLU A 114 11.28 23.97 14.69
N TYR A 115 10.82 23.21 13.70
CA TYR A 115 11.36 21.87 13.53
C TYR A 115 12.77 21.79 12.92
N THR A 116 13.14 22.76 12.10
CA THR A 116 14.54 22.78 11.64
C THR A 116 15.51 22.85 12.84
N ASN A 117 15.20 23.74 13.77
CA ASN A 117 15.96 23.86 15.02
C ASN A 117 15.91 22.57 15.85
N ILE A 118 14.72 22.00 16.06
CA ILE A 118 14.63 20.66 16.71
C ILE A 118 15.55 19.68 16.04
N PHE A 119 15.47 19.58 14.70
CA PHE A 119 16.28 18.63 13.99
C PHE A 119 17.79 18.94 14.14
N LEU A 120 18.16 20.20 14.10
CA LEU A 120 19.56 20.60 14.31
C LEU A 120 20.03 20.10 15.67
N LYS A 121 19.20 20.37 16.68
CA LYS A 121 19.48 20.01 18.07
C LYS A 121 19.58 18.51 18.33
N PHE A 122 19.09 17.70 17.39
CA PHE A 122 19.34 16.27 17.43
C PHE A 122 20.83 16.01 17.52
N GLY A 123 21.65 16.88 16.91
CA GLY A 123 23.07 16.95 17.25
C GLY A 123 24.03 16.22 16.33
N SER A 124 23.50 15.69 15.23
CA SER A 124 24.30 14.98 14.24
C SER A 124 23.72 15.19 12.85
N GLY A 125 24.55 15.67 11.95
CA GLY A 125 24.15 15.91 10.58
C GLY A 125 25.25 15.53 9.61
N TYR A 126 24.87 15.49 8.33
CA TYR A 126 25.78 15.15 7.28
C TYR A 126 26.09 16.36 6.42
N VAL A 127 27.31 16.40 5.96
CA VAL A 127 27.87 17.50 5.24
C VAL A 127 28.50 16.82 4.02
N SER A 128 28.46 17.48 2.88
CA SER A 128 28.97 16.87 1.65
C SER A 128 29.47 17.94 0.69
N GLY A 129 30.44 17.58 -0.15
CA GLY A 129 30.94 18.46 -1.18
C GLY A 129 32.17 17.93 -1.91
N TRP A 130 32.61 18.72 -2.91
CA TRP A 130 33.82 18.45 -3.65
C TRP A 130 34.93 19.45 -3.29
N GLY A 131 34.90 19.94 -2.06
CA GLY A 131 35.88 20.93 -1.59
C GLY A 131 37.20 20.25 -1.29
N ARG A 132 38.12 21.02 -0.69
CA ARG A 132 39.49 20.53 -0.45
C ARG A 132 39.44 19.32 0.45
N VAL A 133 40.34 18.38 0.20
CA VAL A 133 40.43 17.17 0.98
C VAL A 133 41.52 17.26 2.06
N PHE A 134 42.36 18.30 1.94
CA PHE A 134 43.29 18.69 2.99
C PHE A 134 43.37 20.20 3.01
N HIS A 135 43.62 20.75 4.19
CA HIS A 135 43.73 22.19 4.32
C HIS A 135 44.77 22.72 3.33
N LYS A 136 44.44 23.82 2.65
CA LYS A 136 45.34 24.40 1.63
C LYS A 136 45.73 23.39 0.54
N GLY A 137 44.95 22.30 0.40
CA GLY A 137 45.25 21.21 -0.53
C GLY A 137 44.29 21.10 -1.70
N ARG A 138 44.36 19.98 -2.42
CA ARG A 138 43.56 19.85 -3.64
C ARG A 138 42.09 19.56 -3.38
N SER A 139 41.30 19.71 -4.44
CA SER A 139 39.87 19.47 -4.41
C SER A 139 39.48 18.00 -4.74
N ALA A 140 38.30 17.58 -4.30
CA ALA A 140 37.85 16.19 -4.47
C ALA A 140 37.29 15.95 -5.86
N LEU A 141 37.47 14.74 -6.38
CA LEU A 141 36.92 14.40 -7.71
C LEU A 141 35.56 13.73 -7.54
N VAL A 142 35.52 12.74 -6.66
CA VAL A 142 34.29 12.09 -6.26
C VAL A 142 33.68 12.82 -5.04
N LEU A 143 32.37 13.00 -5.05
CA LEU A 143 31.65 13.68 -3.95
C LEU A 143 32.01 13.02 -2.64
N GLN A 144 32.38 13.85 -1.64
CA GLN A 144 32.72 13.39 -0.28
C GLN A 144 31.62 13.72 0.71
N TYR A 145 31.51 12.91 1.77
CA TYR A 145 30.59 13.22 2.87
C TYR A 145 31.18 12.86 4.22
N LEU A 146 30.54 13.41 5.24
CA LEU A 146 31.05 13.31 6.63
C LEU A 146 29.93 13.63 7.59
N ARG A 147 29.75 12.74 8.57
CA ARG A 147 28.93 13.02 9.71
C ARG A 147 29.72 13.92 10.66
N VAL A 148 29.14 15.08 10.97
CA VAL A 148 29.72 16.01 11.94
C VAL A 148 28.83 16.18 13.19
N PRO A 149 29.40 16.07 14.39
CA PRO A 149 28.65 16.41 15.60
C PRO A 149 28.48 17.91 15.82
N LEU A 150 27.31 18.29 16.28
CA LEU A 150 27.06 19.64 16.72
C LEU A 150 27.99 20.02 17.87
N VAL A 151 28.51 21.25 17.87
CA VAL A 151 29.39 21.71 18.94
C VAL A 151 28.69 22.78 19.79
N ASP A 152 28.84 22.67 21.11
CA ASP A 152 28.12 23.55 22.02
C ASP A 152 28.60 25.00 21.81
N ARG A 153 27.67 25.93 21.92
CA ARG A 153 27.99 27.31 21.53
C ARG A 153 29.17 27.91 22.31
N ALA A 154 29.27 27.63 23.60
CA ALA A 154 30.36 28.23 24.39
C ALA A 154 31.73 27.75 23.92
N THR A 155 31.84 26.46 23.61
CA THR A 155 33.06 25.90 23.07
C THR A 155 33.40 26.61 21.77
N CYS A 156 32.41 26.73 20.90
CA CYS A 156 32.67 27.28 19.61
C CYS A 156 33.14 28.71 19.75
N LEU A 157 32.43 29.51 20.54
CA LEU A 157 32.86 30.89 20.84
C LEU A 157 34.35 30.97 21.22
N ARG A 158 34.82 30.06 22.07
CA ARG A 158 36.23 30.09 22.52
C ARG A 158 37.25 29.59 21.51
N SER A 159 36.76 28.94 20.46
CA SER A 159 37.62 28.28 19.51
C SER A 159 38.24 29.24 18.49
N THR A 160 37.69 30.45 18.38
CA THR A 160 38.12 31.42 17.35
C THR A 160 38.04 32.87 17.81
N LYS A 161 38.89 33.73 17.24
CA LYS A 161 38.81 35.16 17.51
C LYS A 161 37.62 35.81 16.79
N PHE A 162 37.12 35.14 15.77
CA PHE A 162 36.08 35.71 14.93
C PHE A 162 34.70 35.63 15.55
N THR A 163 33.84 36.58 15.21
CA THR A 163 32.51 36.57 15.79
C THR A 163 31.66 35.46 15.20
N ILE A 164 30.99 34.73 16.10
CA ILE A 164 30.00 33.73 15.74
C ILE A 164 28.68 34.30 16.19
N TYR A 165 27.77 34.54 15.24
CA TYR A 165 26.47 35.12 15.51
C TYR A 165 25.47 34.06 15.88
N ASN A 166 24.32 34.52 16.39
CA ASN A 166 23.16 33.65 16.65
C ASN A 166 22.61 32.98 15.39
N ASN A 167 23.00 33.48 14.23
CA ASN A 167 22.55 32.91 12.95
C ASN A 167 23.51 31.85 12.43
N MET A 168 24.47 31.45 13.27
CA MET A 168 25.48 30.45 12.89
C MET A 168 25.50 29.35 13.92
N PHE A 169 26.04 28.20 13.53
CA PHE A 169 26.41 27.17 14.49
C PHE A 169 27.72 26.53 14.09
N CYS A 170 28.27 25.77 15.02
CA CYS A 170 29.52 25.10 14.83
C CYS A 170 29.33 23.62 14.87
N ALA A 171 30.14 22.90 14.12
CA ALA A 171 30.07 21.46 14.13
C ALA A 171 31.43 20.92 13.78
N GLY A 172 31.69 19.70 14.22
CA GLY A 172 33.03 19.14 14.07
C GLY A 172 33.43 18.26 15.24
N PHE A 173 34.71 17.92 15.25
CA PHE A 173 35.28 17.00 16.23
C PHE A 173 36.33 17.72 17.05
N HIS A 174 36.27 17.55 18.37
CA HIS A 174 37.22 18.19 19.27
C HIS A 174 38.67 17.86 18.93
N GLU A 175 38.90 16.69 18.34
CA GLU A 175 40.24 16.23 18.00
C GLU A 175 40.70 16.71 16.62
N GLY A 176 39.79 17.32 15.86
CA GLY A 176 40.11 17.78 14.50
C GLY A 176 40.19 16.59 13.56
N GLY A 177 40.97 16.73 12.50
CA GLY A 177 41.19 15.65 11.55
C GLY A 177 40.09 15.41 10.51
N ARG A 178 38.84 15.76 10.84
CA ARG A 178 37.70 15.59 9.95
C ARG A 178 36.86 16.84 9.93
N ASP A 179 36.55 17.35 8.73
CA ASP A 179 35.95 18.68 8.65
C ASP A 179 35.42 18.97 7.25
N SER A 180 34.56 19.99 7.17
CA SER A 180 34.31 20.61 5.90
C SER A 180 35.51 21.47 5.56
N CYS A 181 35.60 21.87 4.30
CA CYS A 181 36.66 22.78 3.90
C CYS A 181 36.23 23.73 2.77
N GLN A 182 37.12 24.64 2.42
CA GLN A 182 36.89 25.54 1.29
C GLN A 182 36.56 24.70 0.03
N GLY A 183 35.64 25.23 -0.77
CA GLY A 183 35.09 24.49 -1.92
C GLY A 183 33.79 23.79 -1.59
N ASP A 184 33.63 23.40 -0.32
CA ASP A 184 32.40 22.84 0.21
C ASP A 184 31.33 23.89 0.54
N SER A 185 31.75 25.15 0.71
CA SER A 185 30.84 26.22 1.08
C SER A 185 29.59 26.24 0.23
N GLY A 186 28.45 26.58 0.85
CA GLY A 186 27.18 26.62 0.15
C GLY A 186 26.45 25.30 0.10
N GLY A 187 27.16 24.20 0.28
CA GLY A 187 26.58 22.89 0.31
C GLY A 187 25.75 22.65 1.56
N PRO A 188 25.07 21.52 1.56
CA PRO A 188 24.13 21.15 2.60
C PRO A 188 24.75 20.58 3.88
N HIS A 189 24.26 21.07 5.02
CA HIS A 189 24.30 20.35 6.29
C HIS A 189 22.88 19.78 6.52
N VAL A 190 22.76 18.47 6.59
CA VAL A 190 21.43 17.86 6.63
C VAL A 190 21.28 16.86 7.78
N THR A 191 20.07 16.74 8.26
CA THR A 191 19.72 15.82 9.35
C THR A 191 18.69 14.86 8.84
N GLU A 192 18.98 13.57 8.99
CA GLU A 192 18.10 12.53 8.53
C GLU A 192 17.15 12.15 9.66
N VAL A 193 15.86 12.14 9.35
CA VAL A 193 14.84 11.85 10.35
C VAL A 193 13.96 10.73 9.78
N GLU A 194 14.07 9.54 10.37
CA GLU A 194 13.33 8.35 9.88
C GLU A 194 13.51 8.22 8.37
N GLY A 195 14.75 8.32 7.91
CA GLY A 195 15.07 8.12 6.49
C GLY A 195 14.78 9.29 5.57
N THR A 196 14.25 10.40 6.10
CA THR A 196 13.99 11.60 5.33
C THR A 196 14.95 12.70 5.80
N SER A 197 15.70 13.27 4.86
CA SER A 197 16.70 14.30 5.19
C SER A 197 16.12 15.69 5.09
N PHE A 198 16.44 16.50 6.11
CA PHE A 198 16.04 17.90 6.18
C PHE A 198 17.27 18.80 6.22
N LEU A 199 17.13 19.95 5.61
CA LEU A 199 18.22 20.92 5.59
C LEU A 199 18.24 21.66 6.95
N THR A 200 19.37 21.51 7.65
CA THR A 200 19.61 22.15 8.94
C THR A 200 20.72 23.21 8.96
N GLY A 201 21.60 23.24 7.95
CA GLY A 201 22.57 24.33 7.83
C GLY A 201 23.10 24.49 6.41
N ILE A 202 23.78 25.61 6.17
CA ILE A 202 24.59 25.81 4.96
C ILE A 202 26.03 25.81 5.41
N ILE A 203 26.87 25.01 4.74
CA ILE A 203 28.32 25.08 4.94
C ILE A 203 28.82 26.52 4.61
N SER A 204 29.44 27.20 5.58
CA SER A 204 29.73 28.62 5.43
C SER A 204 31.23 28.90 5.47
N TRP A 205 31.86 28.79 6.64
CA TRP A 205 33.27 29.21 6.76
C TRP A 205 33.98 28.49 7.90
N GLY A 206 35.25 28.86 8.08
CA GLY A 206 36.07 28.24 9.09
C GLY A 206 37.47 28.77 8.96
N GLU A 207 38.31 28.40 9.90
CA GLU A 207 39.72 28.64 9.81
C GLU A 207 40.36 27.33 9.32
N GLU A 208 41.59 27.03 9.68
CA GLU A 208 42.25 25.92 8.99
C GLU A 208 41.51 24.60 9.20
N CYS A 209 41.17 23.98 8.08
CA CYS A 209 40.28 22.83 8.10
C CYS A 209 40.91 21.66 8.81
N ALA A 210 40.11 21.03 9.68
CA ALA A 210 40.49 19.83 10.37
C ALA A 210 41.53 20.05 11.46
N MET A 211 41.90 21.31 11.71
CA MET A 211 42.82 21.60 12.81
C MET A 211 42.13 21.35 14.15
N LYS A 212 42.80 20.59 15.03
CA LYS A 212 42.31 20.35 16.37
C LYS A 212 41.99 21.65 17.11
N GLY A 213 40.81 21.74 17.71
CA GLY A 213 40.32 22.96 18.40
C GLY A 213 39.65 24.02 17.53
N LYS A 214 39.59 23.77 16.22
CA LYS A 214 38.87 24.61 15.30
C LYS A 214 37.68 23.81 14.79
N TYR A 215 36.61 24.50 14.38
CA TYR A 215 35.35 23.86 13.99
C TYR A 215 34.81 24.47 12.69
N GLY A 216 33.99 23.72 11.95
CA GLY A 216 33.31 24.29 10.79
C GLY A 216 32.19 25.21 11.30
N ILE A 217 31.98 26.33 10.61
CA ILE A 217 30.88 27.27 10.93
C ILE A 217 29.81 27.18 9.83
N TYR A 218 28.57 27.11 10.25
CA TYR A 218 27.43 26.86 9.35
C TYR A 218 26.37 27.94 9.54
N THR A 219 25.67 28.27 8.47
CA THR A 219 24.49 29.15 8.58
C THR A 219 23.38 28.32 9.18
N LYS A 220 22.75 28.86 10.24
CA LYS A 220 21.58 28.27 10.87
C LYS A 220 20.34 28.40 10.02
N VAL A 221 20.01 27.38 9.26
CA VAL A 221 18.93 27.44 8.28
C VAL A 221 17.54 27.77 8.89
N SER A 222 17.30 27.36 10.13
CA SER A 222 16.02 27.59 10.79
C SER A 222 15.64 29.06 10.75
N ARG A 223 16.64 29.92 10.92
CA ARG A 223 16.45 31.37 10.88
C ARG A 223 15.96 31.90 9.52
N TYR A 224 16.16 31.10 8.46
CA TYR A 224 15.95 31.54 7.09
C TYR A 224 14.90 30.76 6.29
N VAL A 225 14.29 29.76 6.92
CA VAL A 225 13.33 28.88 6.26
C VAL A 225 12.11 29.64 5.71
N ASN A 226 11.61 30.62 6.47
CA ASN A 226 10.48 31.44 6.00
C ASN A 226 10.81 32.27 4.75
N TRP A 227 12.01 32.85 4.73
CA TRP A 227 12.54 33.57 3.56
C TRP A 227 12.70 32.62 2.34
N ILE A 228 13.23 31.40 2.58
CA ILE A 228 13.48 30.45 1.48
C ILE A 228 12.13 30.10 0.88
N LYS A 229 11.22 29.69 1.74
CA LYS A 229 9.87 29.32 1.28
C LYS A 229 9.18 30.42 0.49
N GLU A 230 9.23 31.65 0.99
CA GLU A 230 8.64 32.80 0.32
C GLU A 230 9.21 33.11 -1.09
N LYS A 231 10.53 32.96 -1.24
CA LYS A 231 11.25 33.25 -2.48
C LYS A 231 11.17 32.22 -3.59
N THR A 232 10.97 30.96 -3.21
CA THR A 232 11.14 29.83 -4.12
C THR A 232 9.81 29.22 -4.53
N LYS A 233 8.71 29.90 -4.27
CA LYS A 233 7.39 29.41 -4.69
C LYS A 233 7.34 29.21 -6.18
N LEU A 234 6.76 28.10 -6.63
CA LEU A 234 6.54 27.86 -8.05
C LEU A 234 5.11 28.25 -8.47
N THR A 235 4.96 28.76 -9.70
CA THR A 235 3.65 28.97 -10.33
C THR A 235 3.59 28.31 -11.69
N MET B 1 -1.71 11.85 25.18
CA MET B 1 -0.49 12.06 24.35
C MET B 1 -0.13 13.54 24.29
N THR B 2 1.18 13.81 24.29
CA THR B 2 1.72 15.15 24.13
C THR B 2 2.87 15.07 23.13
N CYS B 3 3.28 16.20 22.59
CA CYS B 3 4.41 16.22 21.66
C CYS B 3 5.74 16.02 22.42
N ASN B 4 5.71 16.36 23.72
CA ASN B 4 6.79 16.10 24.70
C ASN B 4 7.54 14.84 24.56
N ILE B 5 6.78 13.76 24.45
CA ILE B 5 7.35 12.45 24.55
C ILE B 5 7.28 11.84 23.20
N LYS B 6 8.46 11.47 22.71
CA LYS B 6 8.68 10.89 21.37
C LYS B 6 7.89 11.54 20.23
N ASN B 7 7.85 12.88 20.25
CA ASN B 7 7.22 13.66 19.18
C ASN B 7 5.77 13.26 18.93
N GLY B 8 5.06 12.93 20.01
CA GLY B 8 3.67 12.48 19.89
C GLY B 8 3.52 11.21 19.07
N ARG B 9 4.64 10.50 18.89
CA ARG B 9 4.76 9.38 17.96
C ARG B 9 4.63 9.75 16.48
N CYS B 10 4.61 11.04 16.16
CA CYS B 10 4.52 11.54 14.77
C CYS B 10 5.82 11.34 14.01
N GLU B 11 5.76 10.81 12.80
CA GLU B 11 6.96 10.52 12.01
C GLU B 11 7.72 11.81 11.68
N GLN B 12 6.98 12.85 11.33
CA GLN B 12 7.57 14.15 11.05
C GLN B 12 7.21 15.21 12.08
N PHE B 13 6.06 15.87 11.93
CA PHE B 13 5.74 17.02 12.78
C PHE B 13 4.59 16.72 13.74
N CYS B 14 4.60 17.38 14.89
CA CYS B 14 3.59 17.18 15.92
C CYS B 14 3.14 18.53 16.48
N LYS B 15 1.83 18.67 16.65
CA LYS B 15 1.27 19.82 17.35
C LYS B 15 0.30 19.34 18.43
N ASN B 16 0.42 19.94 19.61
CA ASN B 16 -0.47 19.66 20.73
C ASN B 16 -1.84 20.31 20.51
N SER B 17 -2.89 19.48 20.64
CA SER B 17 -4.30 19.89 20.56
C SER B 17 -5.02 19.56 21.86
N ALA B 18 -6.23 20.06 22.02
CA ALA B 18 -6.91 20.03 23.33
C ALA B 18 -6.80 18.68 24.04
N ASP B 19 -6.03 18.65 25.13
CA ASP B 19 -5.95 17.51 26.07
C ASP B 19 -5.50 16.21 25.41
N ASN B 20 -6.43 15.49 24.76
CA ASN B 20 -6.07 14.35 23.92
C ASN B 20 -5.29 14.84 22.68
N LYS B 21 -4.04 15.23 22.91
CA LYS B 21 -3.27 16.06 21.97
C LYS B 21 -2.75 15.26 20.77
N VAL B 22 -1.76 15.81 20.08
CA VAL B 22 -1.17 15.23 18.88
C VAL B 22 -2.12 15.43 17.71
N VAL B 23 -1.71 16.31 16.81
CA VAL B 23 -2.07 16.20 15.42
C VAL B 23 -0.72 16.13 14.72
N CYS B 24 -0.48 15.04 14.01
CA CYS B 24 0.74 14.87 13.24
C CYS B 24 0.58 15.54 11.88
N SER B 25 1.71 15.96 11.32
CA SER B 25 1.71 16.47 9.95
C SER B 25 3.01 16.10 9.24
N CYS B 26 3.05 16.42 7.95
CA CYS B 26 4.11 15.95 7.08
C CYS B 26 4.58 17.14 6.24
N THR B 27 5.78 17.04 5.66
CA THR B 27 6.28 18.10 4.80
C THR B 27 5.74 17.90 3.37
N GLU B 28 5.88 18.89 2.50
CA GLU B 28 5.45 18.77 1.10
C GLU B 28 6.00 17.50 0.46
N GLY B 29 5.17 16.80 -0.32
CA GLY B 29 5.53 15.58 -1.01
C GLY B 29 5.15 14.33 -0.25
N TYR B 30 4.58 14.53 0.94
CA TYR B 30 4.14 13.45 1.84
C TYR B 30 2.72 13.73 2.25
N ARG B 31 2.01 12.69 2.59
CA ARG B 31 0.66 12.81 3.12
C ARG B 31 0.61 12.03 4.43
N LEU B 32 -0.19 12.52 5.37
CA LEU B 32 -0.43 11.80 6.62
C LEU B 32 -1.20 10.51 6.35
N ALA B 33 -0.64 9.37 6.74
CA ALA B 33 -1.31 8.08 6.56
C ALA B 33 -2.64 8.01 7.35
N GLU B 34 -3.54 7.12 6.93
CA GLU B 34 -4.80 6.89 7.70
C GLU B 34 -4.49 6.58 9.17
N ASN B 35 -3.38 5.86 9.36
CA ASN B 35 -2.71 5.65 10.65
C ASN B 35 -2.46 6.93 11.49
N GLN B 36 -2.63 8.11 10.88
CA GLN B 36 -2.62 9.44 11.53
C GLN B 36 -1.29 9.85 12.22
N LYS B 37 -0.26 9.04 12.06
CA LYS B 37 1.07 9.32 12.63
C LYS B 37 2.16 9.35 11.55
N SER B 38 2.15 8.35 10.67
CA SER B 38 3.22 8.17 9.69
C SER B 38 3.01 9.02 8.44
N CYS B 39 4.08 9.13 7.65
CA CYS B 39 4.13 10.01 6.48
C CYS B 39 4.41 9.19 5.22
N GLU B 40 3.48 9.23 4.26
CA GLU B 40 3.60 8.43 3.04
C GLU B 40 3.97 9.32 1.87
N PRO B 41 4.90 8.88 1.01
CA PRO B 41 5.18 9.61 -0.24
C PRO B 41 3.91 9.87 -1.07
N ALA B 42 3.65 11.13 -1.40
CA ALA B 42 2.52 11.48 -2.26
C ALA B 42 2.97 11.91 -3.66
N VAL B 43 4.28 11.87 -3.93
CA VAL B 43 4.86 12.27 -5.23
C VAL B 43 5.87 11.20 -5.67
N PRO B 44 6.24 11.16 -6.96
CA PRO B 44 7.24 10.18 -7.44
C PRO B 44 8.66 10.35 -6.85
N PHE B 45 9.08 11.58 -6.58
CA PHE B 45 10.42 11.84 -6.01
C PHE B 45 10.29 12.83 -4.87
N PRO B 46 9.90 12.34 -3.70
CA PRO B 46 9.69 13.19 -2.57
C PRO B 46 10.99 13.66 -1.96
N CYS B 47 10.98 14.90 -1.50
CA CYS B 47 12.18 15.50 -0.95
C CYS B 47 12.84 14.61 0.12
N GLY B 48 14.16 14.70 0.21
CA GLY B 48 14.92 14.14 1.30
C GLY B 48 15.06 12.63 1.40
N ARG B 49 14.71 11.91 0.34
CA ARG B 49 14.81 10.45 0.32
C ARG B 49 15.76 9.93 -0.79
N VAL B 50 16.53 8.90 -0.45
CA VAL B 50 17.46 8.28 -1.38
C VAL B 50 16.68 7.18 -2.06
N SER B 51 16.63 7.23 -3.39
CA SER B 51 15.91 6.22 -4.17
C SER B 51 16.81 5.37 -5.07
N VAL B 52 18.02 5.83 -5.38
CA VAL B 52 18.99 4.99 -6.09
C VAL B 52 19.39 3.87 -5.13
N SER B 53 19.37 2.63 -5.57
CA SER B 53 19.85 1.55 -4.70
C SER B 53 21.24 1.90 -4.20
N GLN B 54 21.43 1.81 -2.89
CA GLN B 54 22.75 2.04 -2.28
C GLN B 54 23.45 0.71 -2.05
N THR B 55 22.65 -0.35 -1.91
CA THR B 55 23.17 -1.71 -1.80
C THR B 55 23.38 -2.30 -3.19
N SER B 56 24.62 -2.31 -3.65
CA SER B 56 24.94 -2.81 -4.98
C SER B 56 25.63 -4.17 -4.90
N LYS B 57 26.95 -4.15 -4.68
CA LYS B 57 27.72 -5.38 -4.60
C LYS B 57 29.09 -5.19 -5.26
N VAL C 1 -31.13 -29.91 -10.04
CA VAL C 1 -31.09 -28.84 -11.08
C VAL C 1 -31.93 -29.33 -12.26
N VAL C 2 -32.91 -28.51 -12.67
CA VAL C 2 -33.77 -28.84 -13.81
C VAL C 2 -33.11 -28.22 -15.03
N GLY C 3 -32.96 -29.00 -16.10
CA GLY C 3 -32.46 -28.47 -17.38
C GLY C 3 -31.03 -27.97 -17.35
N GLY C 4 -30.20 -28.61 -16.54
CA GLY C 4 -28.78 -28.28 -16.50
C GLY C 4 -27.93 -29.25 -17.29
N GLU C 5 -26.65 -29.34 -16.97
CA GLU C 5 -25.69 -30.23 -17.66
C GLU C 5 -24.88 -30.96 -16.65
N ASP C 6 -24.38 -32.15 -17.02
CA ASP C 6 -23.40 -32.86 -16.19
C ASP C 6 -22.16 -32.03 -15.98
N ALA C 7 -21.75 -31.86 -14.73
CA ALA C 7 -20.44 -31.31 -14.48
C ALA C 7 -19.39 -32.35 -14.90
N LYS C 8 -18.20 -31.86 -15.20
CA LYS C 8 -16.98 -32.70 -15.31
C LYS C 8 -16.39 -32.90 -13.94
N PRO C 9 -15.69 -34.01 -13.70
CA PRO C 9 -14.96 -34.17 -12.43
C PRO C 9 -14.10 -32.94 -12.17
N GLY C 10 -14.13 -32.47 -10.92
CA GLY C 10 -13.25 -31.41 -10.48
C GLY C 10 -13.63 -30.01 -10.97
N GLN C 11 -14.80 -29.90 -11.59
CA GLN C 11 -15.27 -28.62 -12.16
C GLN C 11 -15.83 -27.71 -11.07
N PHE C 12 -16.40 -28.31 -10.02
CA PHE C 12 -16.89 -27.57 -8.84
C PHE C 12 -16.32 -28.24 -7.58
N PRO C 13 -15.01 -28.08 -7.39
CA PRO C 13 -14.34 -28.78 -6.33
C PRO C 13 -14.70 -28.31 -4.90
N TRP C 14 -15.46 -27.22 -4.78
CA TRP C 14 -15.97 -26.76 -3.49
C TRP C 14 -17.30 -27.40 -3.14
N GLN C 15 -17.93 -28.11 -4.10
CA GLN C 15 -19.25 -28.67 -3.89
C GLN C 15 -19.15 -29.89 -2.96
N VAL C 16 -20.04 -29.95 -1.98
CA VAL C 16 -20.21 -31.15 -1.18
C VAL C 16 -21.65 -31.65 -1.24
N VAL C 17 -21.83 -32.93 -0.89
CA VAL C 17 -23.17 -33.46 -0.70
C VAL C 17 -23.38 -33.83 0.78
N LEU C 18 -24.60 -33.64 1.26
CA LEU C 18 -24.98 -33.98 2.62
C LEU C 18 -25.81 -35.27 2.60
N ASN C 19 -25.47 -36.19 3.49
CA ASN C 19 -26.19 -37.48 3.62
C ASN C 19 -26.61 -37.69 5.07
N GLY C 20 -27.77 -38.33 5.30
CA GLY C 20 -28.24 -38.63 6.63
C GLY C 20 -29.34 -39.67 6.64
N LYS C 21 -30.49 -39.30 7.24
CA LYS C 21 -31.69 -40.14 7.24
C LYS C 21 -32.22 -40.44 5.83
N VAL C 22 -31.87 -39.55 4.89
CA VAL C 22 -31.99 -39.75 3.46
C VAL C 22 -30.60 -39.37 2.86
N ASP C 23 -30.26 -39.90 1.70
CA ASP C 23 -28.99 -39.59 1.08
C ASP C 23 -29.17 -38.43 0.12
N ALA C 24 -28.09 -37.67 -0.07
CA ALA C 24 -28.12 -36.53 -0.97
C ALA C 24 -29.33 -35.62 -0.80
N PHE C 25 -29.60 -35.18 0.43
CA PHE C 25 -30.80 -34.42 0.70
C PHE C 25 -30.59 -32.90 0.53
N CYS C 26 -29.31 -32.51 0.44
CA CYS C 26 -28.92 -31.11 0.34
C CYS C 26 -27.46 -31.06 -0.09
N GLY C 27 -27.06 -29.88 -0.56
CA GLY C 27 -25.67 -29.60 -0.95
C GLY C 27 -24.99 -28.69 0.09
N GLY C 28 -23.74 -28.31 -0.17
CA GLY C 28 -22.99 -27.38 0.66
C GLY C 28 -21.75 -26.94 -0.09
N SER C 29 -20.99 -26.03 0.49
CA SER C 29 -19.72 -25.53 -0.12
C SER C 29 -18.60 -25.56 0.90
N ILE C 30 -17.39 -25.90 0.47
CA ILE C 30 -16.24 -25.98 1.38
C ILE C 30 -15.80 -24.56 1.65
N VAL C 31 -15.86 -24.13 2.91
CA VAL C 31 -15.25 -22.86 3.33
C VAL C 31 -13.73 -23.02 3.56
N ASN C 32 -13.37 -24.09 4.24
CA ASN C 32 -11.98 -24.47 4.42
C ASN C 32 -11.93 -25.93 4.80
N GLU C 33 -10.78 -26.45 5.18
CA GLU C 33 -10.63 -27.88 5.51
C GLU C 33 -11.55 -28.39 6.65
N LYS C 34 -12.02 -27.50 7.55
CA LYS C 34 -12.84 -27.98 8.65
C LYS C 34 -14.30 -27.55 8.57
N TRP C 35 -14.63 -26.66 7.63
CA TRP C 35 -15.96 -25.97 7.60
C TRP C 35 -16.70 -25.99 6.25
N ILE C 36 -17.97 -26.36 6.34
CA ILE C 36 -18.91 -26.35 5.22
C ILE C 36 -19.97 -25.29 5.49
N VAL C 37 -20.33 -24.54 4.45
CA VAL C 37 -21.48 -23.64 4.52
C VAL C 37 -22.65 -24.25 3.72
N THR C 38 -23.82 -24.23 4.33
CA THR C 38 -25.02 -24.82 3.73
C THR C 38 -26.23 -23.99 4.09
N ALA C 39 -27.45 -24.49 3.82
CA ALA C 39 -28.66 -23.84 4.19
C ALA C 39 -29.08 -24.37 5.55
N ALA C 40 -29.53 -23.48 6.42
CA ALA C 40 -30.04 -23.84 7.75
C ALA C 40 -31.21 -24.81 7.74
N HIS C 41 -32.14 -24.65 6.79
CA HIS C 41 -33.28 -25.57 6.75
C HIS C 41 -32.86 -27.00 6.43
N CYS C 42 -31.66 -27.18 5.88
CA CYS C 42 -31.13 -28.53 5.64
C CYS C 42 -30.72 -29.28 6.88
N VAL C 43 -30.38 -28.54 7.94
CA VAL C 43 -29.67 -29.14 9.07
C VAL C 43 -30.27 -28.78 10.42
N GLU C 44 -31.58 -28.60 10.46
CA GLU C 44 -32.34 -28.48 11.70
C GLU C 44 -32.16 -29.67 12.60
N THR C 45 -31.94 -30.83 12.02
CA THR C 45 -31.47 -31.97 12.79
C THR C 45 -30.07 -32.42 12.34
N GLY C 46 -29.35 -33.09 13.24
CA GLY C 46 -27.96 -33.47 12.95
C GLY C 46 -27.66 -34.93 13.10
N VAL C 47 -28.70 -35.77 13.16
CA VAL C 47 -28.45 -37.15 13.43
C VAL C 47 -27.77 -37.77 12.23
N LYS C 48 -26.65 -38.44 12.52
CA LYS C 48 -25.88 -39.18 11.53
C LYS C 48 -25.72 -38.40 10.21
N ILE C 49 -25.52 -37.08 10.34
CA ILE C 49 -25.23 -36.25 9.18
C ILE C 49 -23.79 -36.47 8.75
N THR C 50 -23.59 -36.79 7.49
CA THR C 50 -22.28 -36.91 6.94
C THR C 50 -22.13 -36.02 5.68
N VAL C 51 -20.91 -35.61 5.43
CA VAL C 51 -20.53 -34.77 4.31
C VAL C 51 -19.60 -35.57 3.41
N VAL C 52 -19.82 -35.50 2.10
CA VAL C 52 -18.89 -36.07 1.13
C VAL C 52 -18.37 -34.97 0.19
N ALA C 53 -17.06 -34.75 0.26
CA ALA C 53 -16.36 -33.88 -0.68
C ALA C 53 -15.81 -34.76 -1.77
N GLY C 54 -15.36 -34.14 -2.85
CA GLY C 54 -14.84 -34.84 -4.00
C GLY C 54 -15.79 -35.80 -4.67
N GLU C 55 -17.08 -35.56 -4.55
CA GLU C 55 -18.09 -36.42 -5.11
C GLU C 55 -18.46 -35.93 -6.52
N HIS C 56 -18.76 -36.89 -7.38
CA HIS C 56 -19.14 -36.59 -8.76
C HIS C 56 -20.33 -37.41 -9.17
N ASN C 57 -20.15 -38.73 -9.16
CA ASN C 57 -21.22 -39.66 -9.46
C ASN C 57 -21.57 -40.40 -8.19
N ILE C 58 -22.82 -40.24 -7.78
CA ILE C 58 -23.26 -40.73 -6.47
C ILE C 58 -23.41 -42.25 -6.37
N GLU C 59 -23.49 -42.95 -7.51
CA GLU C 59 -23.64 -44.41 -7.50
C GLU C 59 -22.33 -45.12 -7.93
N GLU C 60 -21.27 -44.37 -8.22
CA GLU C 60 -20.00 -44.97 -8.55
C GLU C 60 -18.94 -44.47 -7.60
N THR C 61 -17.79 -45.14 -7.65
CA THR C 61 -16.58 -44.75 -6.91
C THR C 61 -15.56 -44.13 -7.85
N GLU C 62 -15.16 -42.91 -7.49
CA GLU C 62 -14.23 -42.12 -8.27
C GLU C 62 -12.83 -42.17 -7.65
N HIS C 63 -12.75 -42.59 -6.38
CA HIS C 63 -11.54 -42.50 -5.54
C HIS C 63 -11.05 -41.08 -5.22
N THR C 64 -11.92 -40.11 -5.43
CA THR C 64 -11.71 -38.73 -5.03
C THR C 64 -12.56 -38.36 -3.79
N GLU C 65 -13.48 -39.23 -3.38
CA GLU C 65 -14.47 -38.90 -2.37
C GLU C 65 -13.79 -38.86 -1.01
N GLN C 66 -14.07 -37.82 -0.23
CA GLN C 66 -13.63 -37.76 1.16
C GLN C 66 -14.86 -37.61 2.04
N LYS C 67 -15.13 -38.60 2.87
CA LYS C 67 -16.32 -38.57 3.72
C LYS C 67 -15.94 -38.11 5.11
N ARG C 68 -16.76 -37.23 5.69
CA ARG C 68 -16.56 -36.74 7.06
C ARG C 68 -17.82 -36.65 7.88
N ASN C 69 -17.63 -36.77 9.18
CA ASN C 69 -18.71 -36.59 10.12
C ASN C 69 -18.81 -35.12 10.51
N VAL C 70 -20.02 -34.73 10.88
CA VAL C 70 -20.27 -33.37 11.35
C VAL C 70 -20.34 -33.37 12.89
N ILE C 71 -19.47 -32.60 13.51
CA ILE C 71 -19.44 -32.50 14.97
C ILE C 71 -20.11 -31.27 15.55
N ARG C 72 -20.37 -30.28 14.69
CA ARG C 72 -20.98 -29.03 15.17
C ARG C 72 -21.78 -28.41 14.03
N ILE C 73 -23.01 -27.99 14.34
CA ILE C 73 -23.86 -27.34 13.35
C ILE C 73 -24.21 -25.96 13.93
N ILE C 74 -23.93 -24.90 13.17
CA ILE C 74 -24.26 -23.58 13.61
C ILE C 74 -25.22 -22.90 12.63
N PRO C 75 -26.52 -22.93 12.89
CA PRO C 75 -27.46 -22.17 12.09
C PRO C 75 -27.28 -20.70 12.41
N HIS C 76 -27.47 -19.84 11.41
CA HIS C 76 -27.47 -18.43 11.71
C HIS C 76 -28.43 -18.16 12.88
N HIS C 77 -27.98 -17.35 13.82
CA HIS C 77 -28.77 -17.08 15.05
C HIS C 77 -30.19 -16.51 14.83
N ASN C 78 -30.42 -15.88 13.69
CA ASN C 78 -31.74 -15.33 13.41
C ASN C 78 -32.59 -16.22 12.49
N TYR C 79 -32.06 -17.38 12.12
CA TYR C 79 -32.88 -18.37 11.41
C TYR C 79 -33.93 -18.89 12.40
N ASN C 80 -35.14 -19.10 11.93
CA ASN C 80 -36.25 -19.56 12.77
C ASN C 80 -36.68 -18.54 13.85
N ALA C 81 -36.24 -17.28 13.71
CA ALA C 81 -36.76 -16.22 14.58
C ALA C 81 -38.23 -15.97 14.22
N ALA C 82 -38.54 -15.98 12.93
CA ALA C 82 -39.90 -15.86 12.45
C ALA C 82 -40.28 -17.18 11.85
N ILE C 83 -41.52 -17.59 12.07
CA ILE C 83 -41.96 -18.91 11.68
C ILE C 83 -42.08 -19.07 10.13
N ASN C 84 -41.63 -20.20 9.62
CA ASN C 84 -41.80 -20.60 8.21
C ASN C 84 -41.40 -19.58 7.14
N LYS C 85 -40.37 -18.77 7.42
CA LYS C 85 -39.90 -17.66 6.53
C LYS C 85 -38.73 -18.01 5.61
N TYR C 86 -37.86 -18.90 6.08
CA TYR C 86 -36.56 -19.16 5.42
C TYR C 86 -35.62 -17.95 5.35
N ASN C 87 -35.93 -16.91 6.12
CA ASN C 87 -35.07 -15.73 6.22
C ASN C 87 -33.82 -16.20 6.97
N HIS C 88 -32.63 -15.72 6.55
CA HIS C 88 -31.35 -16.09 7.19
C HIS C 88 -31.05 -17.62 7.09
N ASP C 89 -31.35 -18.18 5.92
CA ASP C 89 -31.24 -19.61 5.63
C ASP C 89 -29.78 -19.96 5.28
N ILE C 90 -28.98 -20.07 6.30
CA ILE C 90 -27.54 -20.33 6.18
C ILE C 90 -27.05 -20.96 7.50
N ALA C 91 -26.09 -21.89 7.37
CA ALA C 91 -25.62 -22.65 8.49
C ALA C 91 -24.21 -23.09 8.17
N LEU C 92 -23.45 -23.38 9.23
CA LEU C 92 -22.10 -23.83 9.13
C LEU C 92 -21.96 -25.21 9.78
N LEU C 93 -21.18 -26.07 9.14
CA LEU C 93 -20.93 -27.42 9.62
C LEU C 93 -19.46 -27.61 9.89
N GLU C 94 -19.13 -28.03 11.11
CA GLU C 94 -17.75 -28.34 11.47
C GLU C 94 -17.53 -29.84 11.31
N LEU C 95 -16.47 -30.21 10.60
CA LEU C 95 -16.15 -31.61 10.31
C LEU C 95 -15.29 -32.19 11.42
N ASP C 96 -15.42 -33.50 11.60
CA ASP C 96 -14.71 -34.19 12.67
C ASP C 96 -13.22 -34.18 12.39
N GLU C 97 -12.84 -34.41 11.13
CA GLU C 97 -11.47 -34.44 10.71
C GLU C 97 -11.29 -33.59 9.46
N PRO C 98 -10.20 -32.83 9.38
CA PRO C 98 -9.98 -31.99 8.23
C PRO C 98 -9.99 -32.74 6.90
N LEU C 99 -10.56 -32.07 5.91
CA LEU C 99 -10.48 -32.50 4.55
C LEU C 99 -9.03 -32.32 4.12
N VAL C 100 -8.61 -33.15 3.17
CA VAL C 100 -7.32 -33.00 2.53
C VAL C 100 -7.55 -32.29 1.24
N LEU C 101 -7.10 -31.04 1.16
CA LEU C 101 -7.33 -30.27 -0.05
C LEU C 101 -6.50 -30.78 -1.20
N ASN C 102 -7.13 -30.86 -2.37
CA ASN C 102 -6.49 -31.30 -3.59
C ASN C 102 -7.32 -30.82 -4.75
N SER C 103 -7.01 -31.22 -5.98
CA SER C 103 -7.70 -30.70 -7.15
C SER C 103 -9.20 -30.97 -7.18
N TYR C 104 -9.65 -31.95 -6.42
CA TYR C 104 -11.07 -32.31 -6.37
C TYR C 104 -11.78 -31.79 -5.12
N VAL C 105 -10.99 -31.32 -4.15
CA VAL C 105 -11.49 -30.87 -2.84
C VAL C 105 -10.81 -29.53 -2.52
N THR C 106 -11.48 -28.45 -2.87
CA THR C 106 -10.91 -27.12 -2.86
C THR C 106 -11.97 -26.15 -2.33
N PRO C 107 -11.61 -25.24 -1.43
CA PRO C 107 -12.57 -24.23 -0.97
C PRO C 107 -13.10 -23.26 -2.05
N ILE C 108 -14.26 -22.66 -1.77
CA ILE C 108 -14.75 -21.54 -2.53
C ILE C 108 -14.24 -20.25 -1.87
N CYS C 109 -13.90 -19.25 -2.68
CA CYS C 109 -13.47 -17.95 -2.14
C CYS C 109 -14.65 -17.23 -1.54
N ILE C 110 -14.43 -16.52 -0.46
CA ILE C 110 -15.47 -15.65 0.06
C ILE C 110 -14.92 -14.23 0.21
N ALA C 111 -15.49 -13.29 -0.53
CA ALA C 111 -15.09 -11.90 -0.44
C ALA C 111 -15.72 -11.23 0.78
N ASP C 112 -15.40 -9.96 0.98
CA ASP C 112 -16.04 -9.16 2.03
C ASP C 112 -17.42 -8.77 1.58
N LYS C 113 -18.19 -8.16 2.48
CA LYS C 113 -19.56 -7.75 2.21
C LYS C 113 -19.70 -7.00 0.91
N GLU C 114 -18.89 -5.96 0.72
CA GLU C 114 -19.00 -5.07 -0.42
C GLU C 114 -18.83 -5.81 -1.73
N TYR C 115 -17.72 -6.52 -1.88
CA TYR C 115 -17.41 -7.24 -3.12
C TYR C 115 -18.28 -8.45 -3.42
N THR C 116 -18.76 -9.13 -2.39
CA THR C 116 -19.69 -10.25 -2.63
C THR C 116 -20.90 -9.73 -3.40
N ASN C 117 -21.41 -8.59 -2.95
CA ASN C 117 -22.54 -7.93 -3.60
C ASN C 117 -22.19 -7.49 -5.02
N ILE C 118 -20.98 -6.92 -5.20
CA ILE C 118 -20.55 -6.48 -6.54
C ILE C 118 -20.56 -7.64 -7.49
N PHE C 119 -20.00 -8.77 -7.03
CA PHE C 119 -19.93 -9.97 -7.84
C PHE C 119 -21.30 -10.58 -8.12
N LEU C 120 -22.19 -10.56 -7.14
CA LEU C 120 -23.61 -10.93 -7.36
C LEU C 120 -24.22 -10.02 -8.43
N LYS C 121 -23.94 -8.72 -8.32
CA LYS C 121 -24.52 -7.72 -9.24
C LYS C 121 -23.98 -7.79 -10.65
N PHE C 122 -22.93 -8.58 -10.87
CA PHE C 122 -22.51 -8.91 -12.21
C PHE C 122 -23.60 -9.65 -12.94
N GLY C 123 -24.54 -10.26 -12.20
CA GLY C 123 -25.81 -10.66 -12.76
C GLY C 123 -25.86 -12.04 -13.37
N SER C 124 -24.78 -12.80 -13.21
CA SER C 124 -24.70 -14.16 -13.75
C SER C 124 -23.87 -15.06 -12.82
N GLY C 125 -24.49 -16.13 -12.34
CA GLY C 125 -23.84 -17.03 -11.40
C GLY C 125 -24.14 -18.47 -11.78
N TYR C 126 -23.37 -19.39 -11.22
CA TYR C 126 -23.53 -20.82 -11.44
C TYR C 126 -24.03 -21.51 -10.17
N VAL C 127 -24.98 -22.41 -10.36
CA VAL C 127 -25.53 -23.23 -9.31
C VAL C 127 -25.28 -24.67 -9.67
N SER C 128 -25.15 -25.51 -8.66
CA SER C 128 -24.88 -26.94 -8.85
C SER C 128 -25.46 -27.78 -7.74
N GLY C 129 -25.66 -29.07 -8.04
CA GLY C 129 -26.19 -29.97 -7.06
C GLY C 129 -26.67 -31.26 -7.66
N TRP C 130 -27.09 -32.15 -6.76
CA TRP C 130 -27.61 -33.45 -7.11
C TRP C 130 -29.12 -33.51 -6.89
N GLY C 131 -29.75 -32.35 -6.90
CA GLY C 131 -31.18 -32.24 -6.57
C GLY C 131 -32.05 -32.70 -7.71
N ARG C 132 -33.36 -32.45 -7.61
CA ARG C 132 -34.32 -33.03 -8.55
C ARG C 132 -34.02 -32.51 -9.94
N VAL C 133 -34.11 -33.38 -10.93
CA VAL C 133 -33.86 -32.97 -12.30
C VAL C 133 -35.15 -32.64 -13.06
N PHE C 134 -36.30 -32.93 -12.45
CA PHE C 134 -37.60 -32.31 -12.82
C PHE C 134 -38.41 -32.07 -11.57
N HIS C 135 -39.38 -31.16 -11.67
CA HIS C 135 -40.21 -30.77 -10.52
C HIS C 135 -40.98 -31.99 -9.97
N LYS C 136 -40.86 -32.23 -8.67
CA LYS C 136 -41.43 -33.43 -8.02
C LYS C 136 -40.92 -34.70 -8.70
N GLY C 137 -39.67 -34.68 -9.14
CA GLY C 137 -39.10 -35.79 -9.89
C GLY C 137 -37.86 -36.40 -9.26
N ARG C 138 -37.16 -37.20 -10.07
CA ARG C 138 -35.98 -37.94 -9.63
C ARG C 138 -34.80 -37.03 -9.29
N SER C 139 -33.92 -37.52 -8.43
CA SER C 139 -32.67 -36.85 -8.07
C SER C 139 -31.53 -37.22 -9.05
N ALA C 140 -30.54 -36.34 -9.19
CA ALA C 140 -29.43 -36.56 -10.12
C ALA C 140 -28.41 -37.57 -9.60
N LEU C 141 -27.77 -38.34 -10.47
CA LEU C 141 -26.69 -39.24 -10.04
C LEU C 141 -25.34 -38.54 -10.24
N VAL C 142 -25.13 -37.97 -11.42
CA VAL C 142 -23.98 -37.14 -11.70
C VAL C 142 -24.30 -35.67 -11.41
N LEU C 143 -23.36 -34.97 -10.76
CA LEU C 143 -23.50 -33.53 -10.42
C LEU C 143 -23.94 -32.70 -11.61
N GLN C 144 -24.99 -31.89 -11.41
CA GLN C 144 -25.49 -30.99 -12.44
C GLN C 144 -25.10 -29.56 -12.16
N TYR C 145 -24.99 -28.76 -13.22
CA TYR C 145 -24.78 -27.33 -13.06
C TYR C 145 -25.57 -26.51 -14.06
N LEU C 146 -25.76 -25.25 -13.72
CA LEU C 146 -26.54 -24.33 -14.53
C LEU C 146 -26.13 -22.88 -14.25
N ARG C 147 -25.97 -22.11 -15.32
CA ARG C 147 -25.80 -20.67 -15.21
C ARG C 147 -27.18 -20.05 -15.12
N VAL C 148 -27.41 -19.25 -14.06
CA VAL C 148 -28.71 -18.61 -13.83
C VAL C 148 -28.58 -17.07 -13.79
N PRO C 149 -29.39 -16.39 -14.59
CA PRO C 149 -29.41 -14.92 -14.56
C PRO C 149 -29.94 -14.38 -13.25
N LEU C 150 -29.38 -13.28 -12.75
CA LEU C 150 -29.99 -12.53 -11.65
C LEU C 150 -31.32 -11.91 -12.10
N VAL C 151 -32.32 -11.93 -11.23
CA VAL C 151 -33.64 -11.40 -11.53
C VAL C 151 -33.89 -10.16 -10.68
N ASP C 152 -34.40 -9.10 -11.29
CA ASP C 152 -34.55 -7.83 -10.59
C ASP C 152 -35.56 -7.96 -9.44
N ARG C 153 -35.34 -7.23 -8.35
CA ARG C 153 -36.14 -7.44 -7.14
C ARG C 153 -37.67 -7.30 -7.36
N ALA C 154 -38.09 -6.32 -8.14
CA ALA C 154 -39.53 -6.09 -8.39
C ALA C 154 -40.21 -7.27 -9.08
N THR C 155 -39.61 -7.75 -10.16
CA THR C 155 -40.06 -8.95 -10.83
C THR C 155 -40.16 -10.12 -9.86
N CYS C 156 -39.19 -10.24 -8.97
CA CYS C 156 -39.19 -11.37 -8.08
C CYS C 156 -40.29 -11.27 -7.05
N LEU C 157 -40.41 -10.12 -6.41
CA LEU C 157 -41.49 -9.87 -5.45
C LEU C 157 -42.84 -10.23 -6.05
N ARG C 158 -43.06 -9.80 -7.29
CA ARG C 158 -44.31 -10.04 -8.01
C ARG C 158 -44.55 -11.49 -8.41
N SER C 159 -43.50 -12.29 -8.41
CA SER C 159 -43.59 -13.68 -8.90
C SER C 159 -44.23 -14.65 -7.91
N THR C 160 -44.33 -14.24 -6.63
CA THR C 160 -44.81 -15.15 -5.57
C THR C 160 -45.59 -14.46 -4.46
N LYS C 161 -46.52 -15.19 -3.83
CA LYS C 161 -47.25 -14.64 -2.67
C LYS C 161 -46.36 -14.57 -1.43
N PHE C 162 -45.30 -15.36 -1.43
CA PHE C 162 -44.43 -15.45 -0.27
C PHE C 162 -43.50 -14.25 -0.14
N THR C 163 -43.07 -14.01 1.10
CA THR C 163 -42.12 -12.96 1.41
C THR C 163 -40.74 -13.26 0.86
N ILE C 164 -40.16 -12.31 0.12
CA ILE C 164 -38.76 -12.33 -0.23
C ILE C 164 -38.17 -11.17 0.56
N TYR C 165 -37.26 -11.46 1.49
CA TYR C 165 -36.61 -10.44 2.32
C TYR C 165 -35.43 -9.85 1.60
N ASN C 166 -34.80 -8.86 2.23
CA ASN C 166 -33.59 -8.20 1.72
C ASN C 166 -32.35 -9.11 1.88
N ASN C 167 -32.49 -10.20 2.61
CA ASN C 167 -31.44 -11.20 2.75
C ASN C 167 -31.54 -12.31 1.71
N MET C 168 -32.39 -12.10 0.70
CA MET C 168 -32.64 -13.08 -0.35
C MET C 168 -32.50 -12.43 -1.71
N PHE C 169 -32.21 -13.23 -2.75
CA PHE C 169 -32.31 -12.79 -4.13
C PHE C 169 -32.94 -13.88 -4.96
N CYS C 170 -33.37 -13.50 -6.17
CA CYS C 170 -33.93 -14.43 -7.13
C CYS C 170 -33.07 -14.52 -8.35
N ALA C 171 -33.09 -15.69 -8.95
CA ALA C 171 -32.33 -15.97 -10.16
C ALA C 171 -33.06 -17.04 -10.93
N GLY C 172 -32.92 -17.01 -12.24
CA GLY C 172 -33.68 -17.89 -13.10
C GLY C 172 -34.01 -17.23 -14.43
N PHE C 173 -34.81 -17.93 -15.22
CA PHE C 173 -35.19 -17.51 -16.55
C PHE C 173 -36.67 -17.20 -16.63
N HIS C 174 -37.02 -16.08 -17.22
CA HIS C 174 -38.43 -15.71 -17.34
C HIS C 174 -39.26 -16.82 -18.02
N GLU C 175 -38.64 -17.52 -18.97
CA GLU C 175 -39.31 -18.63 -19.66
C GLU C 175 -39.43 -19.91 -18.83
N GLY C 176 -38.73 -19.99 -17.70
CA GLY C 176 -38.74 -21.24 -16.90
C GLY C 176 -37.87 -22.29 -17.57
N GLY C 177 -38.16 -23.56 -17.30
CA GLY C 177 -37.47 -24.68 -17.92
C GLY C 177 -36.12 -25.08 -17.31
N ARG C 178 -35.40 -24.10 -16.76
CA ARG C 178 -34.08 -24.33 -16.20
C ARG C 178 -34.04 -23.69 -14.79
N ASP C 179 -33.58 -24.44 -13.80
CA ASP C 179 -33.71 -23.96 -12.42
C ASP C 179 -33.00 -24.88 -11.46
N SER C 180 -32.73 -24.36 -10.26
CA SER C 180 -32.38 -25.22 -9.14
C SER C 180 -33.64 -25.94 -8.67
N CYS C 181 -33.47 -27.00 -7.89
CA CYS C 181 -34.64 -27.72 -7.37
C CYS C 181 -34.38 -28.34 -6.01
N GLN C 182 -35.40 -29.02 -5.49
CA GLN C 182 -35.30 -29.67 -4.18
C GLN C 182 -34.17 -30.69 -4.24
N GLY C 183 -33.38 -30.74 -3.18
CA GLY C 183 -32.16 -31.54 -3.16
C GLY C 183 -30.93 -30.74 -3.48
N ASP C 184 -31.12 -29.64 -4.20
CA ASP C 184 -30.02 -28.72 -4.44
C ASP C 184 -29.78 -27.77 -3.26
N SER C 185 -30.73 -27.69 -2.35
CA SER C 185 -30.69 -26.71 -1.29
C SER C 185 -29.40 -26.81 -0.52
N GLY C 186 -28.88 -25.67 -0.09
CA GLY C 186 -27.62 -25.63 0.66
C GLY C 186 -26.40 -25.46 -0.19
N GLY C 187 -26.49 -25.82 -1.47
CA GLY C 187 -25.39 -25.74 -2.40
C GLY C 187 -25.09 -24.32 -2.82
N PRO C 188 -24.01 -24.18 -3.55
CA PRO C 188 -23.47 -22.88 -3.93
C PRO C 188 -24.15 -22.23 -5.12
N HIS C 189 -24.37 -20.92 -5.00
CA HIS C 189 -24.48 -19.99 -6.10
C HIS C 189 -23.14 -19.27 -6.17
N VAL C 190 -22.42 -19.38 -7.27
CA VAL C 190 -21.08 -18.79 -7.32
C VAL C 190 -20.90 -17.96 -8.57
N THR C 191 -20.02 -16.97 -8.45
CA THR C 191 -19.72 -16.03 -9.51
C THR C 191 -18.25 -16.14 -9.83
N GLU C 192 -17.92 -16.39 -11.10
CA GLU C 192 -16.56 -16.55 -11.52
C GLU C 192 -15.96 -15.21 -11.96
N VAL C 193 -14.80 -14.88 -11.40
CA VAL C 193 -14.18 -13.58 -11.57
C VAL C 193 -12.72 -13.78 -11.98
N GLU C 194 -12.42 -13.55 -13.26
CA GLU C 194 -11.05 -13.77 -13.76
C GLU C 194 -10.59 -15.17 -13.38
N GLY C 195 -11.43 -16.16 -13.68
CA GLY C 195 -11.12 -17.57 -13.42
C GLY C 195 -11.20 -17.98 -11.95
N THR C 196 -11.57 -17.06 -11.04
CA THR C 196 -11.66 -17.37 -9.61
C THR C 196 -13.12 -17.28 -9.17
N SER C 197 -13.65 -18.39 -8.64
CA SER C 197 -15.04 -18.42 -8.17
C SER C 197 -15.18 -17.95 -6.75
N PHE C 198 -16.19 -17.09 -6.54
CA PHE C 198 -16.58 -16.56 -5.26
C PHE C 198 -18.02 -16.93 -4.92
N LEU C 199 -18.28 -17.15 -3.65
CA LEU C 199 -19.61 -17.55 -3.19
C LEU C 199 -20.50 -16.30 -3.09
N THR C 200 -21.59 -16.30 -3.87
CA THR C 200 -22.54 -15.16 -3.97
C THR C 200 -23.96 -15.49 -3.45
N GLY C 201 -24.29 -16.78 -3.34
CA GLY C 201 -25.56 -17.14 -2.71
C GLY C 201 -25.54 -18.57 -2.21
N ILE C 202 -26.56 -18.91 -1.43
CA ILE C 202 -26.86 -20.30 -1.02
C ILE C 202 -28.18 -20.65 -1.66
N ILE C 203 -28.22 -21.78 -2.36
CA ILE C 203 -29.50 -22.27 -2.87
C ILE C 203 -30.49 -22.49 -1.70
N SER C 204 -31.65 -21.84 -1.74
CA SER C 204 -32.52 -21.88 -0.58
C SER C 204 -33.90 -22.51 -0.84
N TRP C 205 -34.75 -21.82 -1.59
CA TRP C 205 -36.12 -22.30 -1.76
C TRP C 205 -36.74 -21.83 -3.06
N GLY C 206 -37.99 -22.23 -3.23
CA GLY C 206 -38.76 -21.77 -4.35
C GLY C 206 -40.04 -22.58 -4.37
N GLU C 207 -40.87 -22.25 -5.36
CA GLU C 207 -42.08 -23.00 -5.61
C GLU C 207 -41.77 -23.92 -6.79
N GLU C 208 -42.74 -24.27 -7.62
CA GLU C 208 -42.53 -25.40 -8.53
C GLU C 208 -41.35 -25.09 -9.45
N CYS C 209 -40.41 -26.04 -9.47
CA CYS C 209 -39.12 -25.84 -10.13
C CYS C 209 -39.30 -25.66 -11.62
N ALA C 210 -38.61 -24.64 -12.15
CA ALA C 210 -38.57 -24.34 -13.57
C ALA C 210 -39.94 -24.02 -14.20
N MET C 211 -40.93 -23.69 -13.36
CA MET C 211 -42.22 -23.19 -13.83
C MET C 211 -42.03 -21.75 -14.30
N LYS C 212 -42.52 -21.47 -15.51
CA LYS C 212 -42.45 -20.12 -16.06
C LYS C 212 -43.08 -19.08 -15.12
N GLY C 213 -42.40 -17.97 -14.91
CA GLY C 213 -42.85 -16.90 -13.97
C GLY C 213 -42.49 -17.10 -12.48
N LYS C 214 -41.87 -18.24 -12.18
CA LYS C 214 -41.36 -18.52 -10.85
C LYS C 214 -39.84 -18.58 -10.93
N TYR C 215 -39.18 -18.24 -9.84
CA TYR C 215 -37.72 -18.13 -9.81
C TYR C 215 -37.13 -18.83 -8.60
N GLY C 216 -35.84 -19.15 -8.68
CA GLY C 216 -35.21 -19.77 -7.50
C GLY C 216 -34.94 -18.67 -6.51
N ILE C 217 -35.01 -18.97 -5.21
CA ILE C 217 -34.67 -18.00 -4.19
C ILE C 217 -33.41 -18.46 -3.47
N TYR C 218 -32.54 -17.49 -3.22
CA TYR C 218 -31.17 -17.72 -2.78
C TYR C 218 -30.90 -16.85 -1.55
N THR C 219 -30.11 -17.38 -0.63
CA THR C 219 -29.66 -16.58 0.49
C THR C 219 -28.57 -15.67 -0.01
N LYS C 220 -28.70 -14.40 0.34
CA LYS C 220 -27.74 -13.39 -0.09
C LYS C 220 -26.49 -13.40 0.79
N VAL C 221 -25.43 -14.00 0.29
CA VAL C 221 -24.27 -14.37 1.12
C VAL C 221 -23.58 -13.11 1.63
N SER C 222 -23.64 -12.03 0.86
CA SER C 222 -23.01 -10.77 1.27
C SER C 222 -23.36 -10.33 2.68
N ARG C 223 -24.61 -10.54 3.06
CA ARG C 223 -25.09 -10.17 4.38
C ARG C 223 -24.51 -11.02 5.51
N TYR C 224 -23.87 -12.15 5.18
CA TYR C 224 -23.47 -13.17 6.14
C TYR C 224 -21.97 -13.45 6.16
N VAL C 225 -21.26 -12.81 5.26
CA VAL C 225 -19.84 -13.00 5.06
C VAL C 225 -19.03 -12.79 6.37
N ASN C 226 -19.38 -11.77 7.14
CA ASN C 226 -18.67 -11.47 8.40
C ASN C 226 -18.87 -12.57 9.42
N TRP C 227 -20.11 -13.04 9.48
CA TRP C 227 -20.49 -14.16 10.32
C TRP C 227 -19.76 -15.44 9.93
N ILE C 228 -19.62 -15.70 8.63
CA ILE C 228 -18.96 -16.94 8.18
C ILE C 228 -17.50 -16.84 8.60
N LYS C 229 -16.87 -15.75 8.22
CA LYS C 229 -15.44 -15.51 8.54
C LYS C 229 -15.18 -15.63 10.04
N GLU C 230 -16.03 -15.04 10.87
CA GLU C 230 -15.93 -15.11 12.33
C GLU C 230 -16.04 -16.55 12.90
N LYS C 231 -16.95 -17.37 12.38
CA LYS C 231 -17.20 -18.71 12.95
C LYS C 231 -16.23 -19.79 12.45
N THR C 232 -15.64 -19.60 11.28
CA THR C 232 -14.87 -20.66 10.63
C THR C 232 -13.34 -20.51 10.72
N LYS C 233 -12.86 -19.68 11.63
CA LYS C 233 -11.40 -19.50 11.82
C LYS C 233 -10.72 -20.81 12.20
N LEU C 234 -9.56 -21.08 11.63
CA LEU C 234 -8.75 -22.22 12.02
C LEU C 234 -7.73 -21.80 13.09
N THR C 235 -7.46 -22.69 14.06
CA THR C 235 -6.29 -22.57 14.95
C THR C 235 -5.46 -23.85 14.94
N MET D 1 -6.15 7.58 -11.02
CA MET D 1 -6.95 6.34 -11.21
C MET D 1 -7.92 6.16 -10.06
N THR D 2 -9.07 5.55 -10.34
CA THR D 2 -10.10 5.28 -9.34
C THR D 2 -10.55 3.83 -9.48
N CYS D 3 -11.26 3.32 -8.48
CA CYS D 3 -11.86 2.00 -8.56
C CYS D 3 -13.09 1.98 -9.52
N ASN D 4 -13.64 3.19 -9.74
CA ASN D 4 -14.70 3.49 -10.74
C ASN D 4 -14.72 2.72 -12.03
N ILE D 5 -13.60 2.77 -12.76
CA ILE D 5 -13.58 2.12 -14.06
C ILE D 5 -12.79 0.86 -14.05
N LYS D 6 -13.44 -0.22 -14.47
CA LYS D 6 -12.88 -1.57 -14.46
C LYS D 6 -12.05 -1.87 -13.21
N ASN D 7 -12.58 -1.50 -12.04
CA ASN D 7 -12.04 -1.94 -10.75
C ASN D 7 -10.60 -1.50 -10.50
N GLY D 8 -10.28 -0.29 -10.95
CA GLY D 8 -8.93 0.25 -10.83
C GLY D 8 -7.85 -0.60 -11.48
N ARG D 9 -8.27 -1.50 -12.37
CA ARG D 9 -7.41 -2.51 -12.98
C ARG D 9 -7.01 -3.66 -12.04
N CYS D 10 -7.59 -3.72 -10.85
CA CYS D 10 -7.28 -4.76 -9.86
C CYS D 10 -7.99 -6.06 -10.21
N GLU D 11 -7.29 -7.19 -10.17
CA GLU D 11 -7.88 -8.48 -10.56
C GLU D 11 -8.99 -8.89 -9.61
N GLN D 12 -8.76 -8.67 -8.32
CA GLN D 12 -9.78 -8.95 -7.30
C GLN D 12 -10.34 -7.68 -6.70
N PHE D 13 -9.66 -7.12 -5.69
CA PHE D 13 -10.25 -6.08 -4.88
C PHE D 13 -9.52 -4.74 -5.05
N CYS D 14 -10.26 -3.64 -4.91
CA CYS D 14 -9.74 -2.28 -5.13
C CYS D 14 -10.21 -1.38 -4.02
N LYS D 15 -9.33 -0.51 -3.53
CA LYS D 15 -9.77 0.58 -2.65
C LYS D 15 -9.13 1.88 -3.13
N ASN D 16 -9.91 2.96 -3.05
CA ASN D 16 -9.40 4.28 -3.38
C ASN D 16 -8.51 4.85 -2.28
N SER D 17 -7.34 5.34 -2.70
CA SER D 17 -6.41 6.13 -1.87
C SER D 17 -6.30 7.57 -2.41
N ALA D 18 -5.40 8.37 -1.84
CA ALA D 18 -5.31 9.80 -2.17
C ALA D 18 -5.21 10.15 -3.66
N ASP D 19 -6.37 10.43 -4.28
CA ASP D 19 -6.49 11.11 -5.60
C ASP D 19 -6.07 10.32 -6.85
N ASN D 20 -4.88 9.74 -6.84
CA ASN D 20 -4.47 8.80 -7.89
C ASN D 20 -4.90 7.40 -7.48
N LYS D 21 -5.34 7.28 -6.23
CA LYS D 21 -6.11 6.14 -5.71
C LYS D 21 -5.65 4.72 -6.11
N VAL D 22 -6.45 3.71 -5.76
CA VAL D 22 -6.20 2.33 -6.10
C VAL D 22 -5.06 1.75 -5.28
N VAL D 23 -5.45 1.04 -4.22
CA VAL D 23 -4.62 0.01 -3.65
C VAL D 23 -5.43 -1.27 -3.90
N CYS D 24 -4.87 -2.15 -4.72
CA CYS D 24 -5.45 -3.46 -4.98
C CYS D 24 -5.13 -4.43 -3.84
N SER D 25 -5.99 -5.43 -3.68
CA SER D 25 -5.78 -6.50 -2.72
C SER D 25 -6.38 -7.80 -3.25
N CYS D 26 -6.12 -8.89 -2.53
CA CYS D 26 -6.49 -10.22 -3.01
C CYS D 26 -7.09 -11.00 -1.85
N THR D 27 -7.78 -12.10 -2.15
CA THR D 27 -8.41 -12.92 -1.11
C THR D 27 -7.41 -13.93 -0.54
N GLU D 28 -7.75 -14.50 0.62
CA GLU D 28 -6.91 -15.52 1.26
C GLU D 28 -6.44 -16.59 0.26
N GLY D 29 -5.15 -16.91 0.30
CA GLY D 29 -4.57 -17.91 -0.59
C GLY D 29 -3.95 -17.30 -1.83
N TYR D 30 -4.13 -15.99 -2.01
CA TYR D 30 -3.52 -15.28 -3.14
C TYR D 30 -2.64 -14.20 -2.59
N ARG D 31 -1.65 -13.79 -3.39
CA ARG D 31 -0.79 -12.67 -3.04
C ARG D 31 -0.83 -11.64 -4.14
N LEU D 32 -0.82 -10.36 -3.74
CA LEU D 32 -0.73 -9.26 -4.69
C LEU D 32 0.58 -9.36 -5.45
N ALA D 33 0.49 -9.42 -6.77
CA ALA D 33 1.67 -9.56 -7.61
C ALA D 33 2.53 -8.28 -7.61
N GLU D 34 3.65 -8.33 -8.33
CA GLU D 34 4.60 -7.20 -8.42
C GLU D 34 3.95 -5.96 -9.06
N ASN D 35 3.16 -6.20 -10.12
CA ASN D 35 2.16 -5.24 -10.63
C ASN D 35 1.59 -4.30 -9.57
N GLN D 36 1.15 -4.91 -8.47
CA GLN D 36 0.28 -4.30 -7.48
C GLN D 36 -1.18 -4.26 -8.01
N LYS D 37 -1.46 -5.14 -8.98
CA LYS D 37 -2.80 -5.29 -9.59
C LYS D 37 -3.26 -6.75 -9.61
N SER D 38 -2.41 -7.63 -10.14
CA SER D 38 -2.78 -9.04 -10.33
C SER D 38 -2.66 -9.84 -9.04
N CYS D 39 -3.31 -11.00 -9.06
CA CYS D 39 -3.39 -11.90 -7.90
C CYS D 39 -2.73 -13.24 -8.21
N GLU D 40 -1.70 -13.58 -7.44
CA GLU D 40 -0.96 -14.83 -7.62
C GLU D 40 -1.29 -15.85 -6.51
N PRO D 41 -1.49 -17.13 -6.85
CA PRO D 41 -1.64 -18.17 -5.84
C PRO D 41 -0.41 -18.28 -4.91
N ALA D 42 -0.65 -18.32 -3.61
CA ALA D 42 0.40 -18.42 -2.60
C ALA D 42 0.25 -19.68 -1.76
N VAL D 43 -0.51 -20.66 -2.28
CA VAL D 43 -0.75 -21.96 -1.63
C VAL D 43 -0.97 -23.01 -2.74
N PRO D 44 -0.84 -24.31 -2.45
CA PRO D 44 -1.01 -25.36 -3.46
C PRO D 44 -2.42 -25.47 -4.07
N PHE D 45 -3.45 -25.29 -3.26
CA PHE D 45 -4.85 -25.38 -3.75
C PHE D 45 -5.66 -24.18 -3.28
N PRO D 46 -5.52 -23.06 -3.96
CA PRO D 46 -6.14 -21.83 -3.51
C PRO D 46 -7.63 -21.82 -3.83
N CYS D 47 -8.39 -21.13 -3.00
CA CYS D 47 -9.84 -21.13 -3.15
C CYS D 47 -10.28 -20.73 -4.56
N GLY D 48 -11.37 -21.35 -5.01
CA GLY D 48 -12.13 -20.89 -6.16
C GLY D 48 -11.52 -21.13 -7.51
N ARG D 49 -10.54 -22.02 -7.55
CA ARG D 49 -9.81 -22.32 -8.78
C ARG D 49 -9.98 -23.78 -9.15
N VAL D 50 -10.22 -24.04 -10.44
CA VAL D 50 -10.33 -25.39 -10.96
C VAL D 50 -8.92 -25.79 -11.44
N SER D 51 -8.45 -26.94 -11.00
CA SER D 51 -7.08 -27.37 -11.25
C SER D 51 -6.98 -28.78 -11.83
N VAL D 52 -8.11 -29.46 -11.96
CA VAL D 52 -8.20 -30.71 -12.71
C VAL D 52 -8.23 -30.32 -14.17
N SER D 53 -7.69 -31.17 -15.04
CA SER D 53 -7.80 -30.96 -16.48
C SER D 53 -9.27 -31.09 -16.88
N GLN D 54 -9.84 -29.95 -17.27
CA GLN D 54 -11.20 -29.92 -17.84
C GLN D 54 -11.10 -30.26 -19.33
N THR D 55 -9.97 -29.89 -19.95
CA THR D 55 -9.70 -30.26 -21.33
C THR D 55 -9.17 -31.68 -21.40
N SER D 56 -9.96 -32.58 -21.99
CA SER D 56 -9.59 -33.99 -22.06
C SER D 56 -9.60 -34.48 -23.50
N LYS D 57 -10.72 -35.05 -23.92
CA LYS D 57 -10.86 -35.61 -25.26
C LYS D 57 -11.56 -36.96 -25.21
#